data_8ZRZ
#
_entry.id   8ZRZ
#
_cell.length_a   56.974
_cell.length_b   89.843
_cell.length_c   66.035
_cell.angle_alpha   90.00
_cell.angle_beta   103.09
_cell.angle_gamma   90.00
#
_symmetry.space_group_name_H-M   'P 1 21 1'
#
loop_
_entity.id
_entity.type
_entity.pdbx_description
1 polymer Beta-amylase
2 branched alpha-D-glucopyranose-(1-4)-alpha-D-glucopyranose
3 branched alpha-D-glucopyranose-(1-4)-beta-D-glucopyranose
4 branched alpha-D-glucopyranose-(1-4)-alpha-D-glucopyranose-(1-4)-alpha-D-glucopyranose-(1-4)-alpha-D-glucopyranose
5 non-polymer 'CALCIUM ION'
6 non-polymer 'SULFATE ION'
7 non-polymer GLYCEROL
8 non-polymer beta-D-glucopyranose
9 water water
#
_entity_poly.entity_id   1
_entity_poly.type   'polypeptide(L)'
_entity_poly.pdbx_seq_one_letter_code
;AVNGKGMNPDYKAYLMAPLKKIPEVTNWETFENDLRWAKQNGFYAITVDFWWGDMEKNGDQQFDFSYAQRFAQSVKNAGM
KMIPIISTHQCGGNVGDDCNVPIPSWVWNQKSDDSLYFKSETGTVNKETLNPLASDVIRKEYGELYTAFAAAMKPYKDVI
AKIYLSGGPAGELRYPSYTTSDGTGYPSRGKFQAYTEFAKSKFRLWVLNKYGSLNEVNKAWGTKLISELAILPPSDGEQF
LMNGYLSMYGKDYLEWYQGILENHTKLIGELAHNAFDTTFQVPIGAKIAGVHWQYNNPTIPHGAEKPAGYNDYSHLLDAF
KSAKLDVTFTCLEMTDKGSYPEYSMPKTLVQNIATLANEKGIVLNGENALSIGNEEEYKRVAEMAFNYNFAGFTLLRYQD
VMYNNSLMGKFKDLLGVTPVMQTIVVKNVPTTIGDTVYITGNRAELGSWDTKQYPIQLYYDSHSNDWRGNVVLPAERNIE
FKAFIKSKDGTVKSWQTIQQSWNPVPLKTTSHTSSW
;
_entity_poly.pdbx_strand_id   A
#
# COMPACT_ATOMS: atom_id res chain seq x y z
N ALA A 1 -16.24 -10.42 -6.93
CA ALA A 1 -14.78 -10.23 -6.76
C ALA A 1 -14.04 -11.39 -7.40
N VAL A 2 -12.72 -11.39 -7.29
CA VAL A 2 -11.96 -12.55 -7.85
C VAL A 2 -12.21 -13.80 -7.04
N ASN A 3 -12.10 -15.00 -7.54
CA ASN A 3 -12.15 -16.24 -6.76
C ASN A 3 -13.56 -16.50 -6.23
N GLY A 4 -14.66 -15.78 -6.88
CA GLY A 4 -16.02 -16.12 -6.52
C GLY A 4 -16.49 -15.56 -5.21
N LYS A 5 -15.51 -14.64 -4.62
CA LYS A 5 -15.79 -13.84 -3.45
C LYS A 5 -16.55 -12.55 -3.73
N GLY A 6 -16.97 -11.89 -2.73
CA GLY A 6 -17.50 -10.54 -2.84
C GLY A 6 -16.58 -9.54 -2.13
N MET A 7 -16.98 -8.30 -1.98
CA MET A 7 -16.36 -7.16 -1.25
CA MET A 7 -16.22 -7.27 -1.30
C MET A 7 -16.02 -7.57 0.23
N ASN A 8 -14.84 -7.05 0.67
CA ASN A 8 -14.38 -7.34 2.04
C ASN A 8 -15.32 -6.73 3.06
N PRO A 9 -15.88 -7.53 4.03
CA PRO A 9 -16.82 -6.95 4.95
C PRO A 9 -16.15 -5.97 5.89
N ASP A 10 -14.86 -5.97 6.02
CA ASP A 10 -14.08 -5.04 6.85
C ASP A 10 -13.75 -3.74 6.14
N TYR A 11 -14.15 -3.59 4.85
CA TYR A 11 -13.74 -2.40 4.11
C TYR A 11 -14.09 -1.13 4.83
N LYS A 12 -13.13 -0.22 4.91
CA LYS A 12 -13.30 1.12 5.39
C LYS A 12 -12.65 2.09 4.38
N ALA A 13 -13.22 3.31 4.33
CA ALA A 13 -12.60 4.42 3.58
C ALA A 13 -11.94 5.37 4.56
N TYR A 14 -10.76 5.85 4.20
CA TYR A 14 -10.00 6.80 5.02
C TYR A 14 -9.65 8.01 4.16
N LEU A 15 -9.43 9.15 4.80
CA LEU A 15 -9.05 10.39 4.10
C LEU A 15 -7.66 10.81 4.56
N MET A 16 -6.75 11.14 3.67
CA MET A 16 -5.50 11.70 4.16
C MET A 16 -5.68 13.16 4.58
N ALA A 17 -5.08 13.46 5.74
CA ALA A 17 -4.97 14.86 6.15
C ALA A 17 -4.04 15.63 5.20
N PRO A 18 -4.07 16.95 5.28
CA PRO A 18 -3.03 17.75 4.61
C PRO A 18 -1.65 17.35 5.08
N LEU A 19 -0.63 17.65 4.28
CA LEU A 19 0.77 17.44 4.71
C LEU A 19 1.23 18.49 5.69
N LYS A 20 0.70 19.70 5.58
CA LYS A 20 0.97 20.77 6.52
C LYS A 20 0.04 20.64 7.73
N LYS A 21 0.38 21.34 8.77
CA LYS A 21 -0.40 21.33 9.99
C LYS A 21 -1.73 21.99 9.75
N ILE A 22 -2.77 21.52 10.44
CA ILE A 22 -4.12 22.00 10.16
C ILE A 22 -4.25 23.52 10.23
N PRO A 23 -3.67 24.22 11.18
CA PRO A 23 -3.84 25.69 11.17
C PRO A 23 -3.20 26.37 9.96
N GLU A 24 -2.43 25.67 9.14
CA GLU A 24 -1.88 26.26 7.90
C GLU A 24 -2.93 26.15 6.82
N VAL A 25 -4.01 25.44 7.09
CA VAL A 25 -5.06 25.18 6.09
C VAL A 25 -6.42 25.73 6.53
N THR A 26 -6.70 25.53 7.79
N THR A 26 -6.79 25.56 7.80
CA THR A 26 -7.98 26.04 8.31
CA THR A 26 -8.15 25.88 8.30
C THR A 26 -7.67 26.38 9.75
C THR A 26 -8.20 25.88 9.82
N ASN A 27 -8.65 26.19 10.58
N ASN A 27 -9.05 26.61 10.55
CA ASN A 27 -8.51 26.35 12.01
CA ASN A 27 -8.93 26.58 12.01
C ASN A 27 -9.16 25.11 12.60
C ASN A 27 -9.47 25.32 12.67
N TRP A 28 -9.06 25.02 13.92
CA TRP A 28 -9.45 23.75 14.55
C TRP A 28 -10.96 23.55 14.57
N GLU A 29 -11.76 24.60 14.79
CA GLU A 29 -13.22 24.39 14.82
C GLU A 29 -13.74 24.04 13.44
N THR A 30 -13.29 24.71 12.38
CA THR A 30 -13.70 24.30 11.04
C THR A 30 -13.24 22.89 10.72
N PHE A 31 -12.04 22.53 11.16
CA PHE A 31 -11.51 21.18 10.94
C PHE A 31 -12.44 20.17 11.57
N GLU A 32 -12.91 20.42 12.78
CA GLU A 32 -13.87 19.50 13.38
C GLU A 32 -15.13 19.36 12.53
N ASN A 33 -15.62 20.48 11.99
CA ASN A 33 -16.79 20.43 11.12
C ASN A 33 -16.44 19.66 9.83
N ASP A 34 -15.27 19.86 9.28
CA ASP A 34 -14.81 19.11 8.12
C ASP A 34 -14.79 17.62 8.42
N LEU A 35 -14.32 17.23 9.59
CA LEU A 35 -14.27 15.79 9.94
C LEU A 35 -15.68 15.23 10.00
N ARG A 36 -16.61 15.98 10.58
CA ARG A 36 -18.02 15.49 10.58
C ARG A 36 -18.54 15.33 9.17
N TRP A 37 -18.17 16.25 8.28
CA TRP A 37 -18.64 16.10 6.87
C TRP A 37 -17.97 14.93 6.21
N ALA A 38 -16.67 14.72 6.45
CA ALA A 38 -16.05 13.50 5.91
C ALA A 38 -16.77 12.23 6.42
N LYS A 39 -17.09 12.19 7.72
CA LYS A 39 -17.76 11.04 8.31
C LYS A 39 -19.10 10.82 7.60
N GLN A 40 -19.87 11.89 7.33
CA GLN A 40 -21.15 11.74 6.67
C GLN A 40 -21.00 11.16 5.26
N ASN A 41 -19.83 11.37 4.66
CA ASN A 41 -19.59 10.89 3.30
C ASN A 41 -18.91 9.52 3.26
N GLY A 42 -18.84 8.85 4.41
CA GLY A 42 -18.40 7.50 4.50
C GLY A 42 -16.98 7.28 4.90
N PHE A 43 -16.26 8.33 5.30
CA PHE A 43 -14.90 8.14 5.79
C PHE A 43 -14.91 7.70 7.25
N TYR A 44 -14.19 6.66 7.55
CA TYR A 44 -14.11 6.12 8.89
C TYR A 44 -13.08 6.82 9.73
N ALA A 45 -11.98 7.28 9.12
CA ALA A 45 -10.88 7.86 9.85
C ALA A 45 -10.07 8.78 8.93
N ILE A 46 -9.31 9.66 9.55
CA ILE A 46 -8.33 10.50 8.85
C ILE A 46 -6.95 9.97 9.13
N THR A 47 -6.16 9.76 8.06
CA THR A 47 -4.74 9.43 8.27
C THR A 47 -3.96 10.73 8.40
N VAL A 48 -2.89 10.74 9.21
CA VAL A 48 -2.20 12.01 9.42
C VAL A 48 -0.73 11.79 9.64
N ASP A 49 0.10 12.47 8.84
CA ASP A 49 1.53 12.47 9.08
C ASP A 49 1.86 13.27 10.33
N PHE A 50 2.52 12.63 11.24
CA PHE A 50 3.17 13.33 12.36
C PHE A 50 4.65 13.27 12.05
N TRP A 51 5.23 14.39 11.67
CA TRP A 51 6.59 14.42 11.11
C TRP A 51 7.63 14.31 12.20
N TRP A 52 8.61 13.44 11.99
CA TRP A 52 9.72 13.38 12.93
C TRP A 52 10.37 14.72 13.06
N GLY A 53 10.52 15.48 11.95
CA GLY A 53 11.17 16.79 12.01
C GLY A 53 10.41 17.76 12.92
N ASP A 54 9.10 17.54 13.14
CA ASP A 54 8.33 18.35 14.05
C ASP A 54 8.40 17.85 15.48
N MET A 55 8.57 16.56 15.72
CA MET A 55 8.41 15.98 17.04
C MET A 55 9.70 15.78 17.81
N GLU A 56 10.85 15.85 17.14
CA GLU A 56 12.11 15.70 17.85
C GLU A 56 13.12 16.63 17.23
N LYS A 57 12.67 17.87 17.04
CA LYS A 57 13.44 18.79 16.19
C LYS A 57 14.76 19.22 16.77
N ASN A 58 14.81 19.57 18.04
CA ASN A 58 15.95 20.38 18.51
C ASN A 58 17.13 19.53 18.94
N GLY A 59 16.93 18.25 19.18
CA GLY A 59 18.06 17.39 19.57
C GLY A 59 17.52 16.07 20.07
N ASP A 60 18.44 15.16 20.31
CA ASP A 60 18.06 13.81 20.72
C ASP A 60 17.24 13.85 22.00
N GLN A 61 16.10 13.24 22.03
CA GLN A 61 15.19 13.11 23.20
C GLN A 61 14.58 14.44 23.60
N GLN A 62 14.63 15.44 22.71
CA GLN A 62 13.93 16.71 22.94
C GLN A 62 12.65 16.64 22.13
N PHE A 63 11.60 16.13 22.77
CA PHE A 63 10.36 15.85 22.05
C PHE A 63 9.32 16.94 22.18
N ASP A 64 8.44 17.05 21.22
CA ASP A 64 7.28 17.93 21.30
C ASP A 64 6.15 17.27 20.52
N PHE A 65 5.22 16.69 21.25
CA PHE A 65 4.06 16.02 20.71
C PHE A 65 2.82 16.89 20.79
N SER A 66 2.99 18.17 21.12
CA SER A 66 1.82 19.01 21.34
C SER A 66 0.95 19.11 20.08
N TYR A 67 1.49 19.17 18.86
CA TYR A 67 0.63 19.27 17.69
C TYR A 67 -0.23 18.01 17.53
N ALA A 68 0.39 16.84 17.68
CA ALA A 68 -0.36 15.57 17.58
C ALA A 68 -1.41 15.49 18.67
N GLN A 69 -1.11 15.97 19.90
CA GLN A 69 -2.14 15.95 20.95
C GLN A 69 -3.30 16.86 20.60
N ARG A 70 -3.03 18.07 20.10
CA ARG A 70 -4.11 19.00 19.74
C ARG A 70 -4.94 18.39 18.62
N PHE A 71 -4.26 17.81 17.61
CA PHE A 71 -4.99 17.19 16.49
C PHE A 71 -5.93 16.14 17.00
N ALA A 72 -5.43 15.24 17.84
CA ALA A 72 -6.23 14.13 18.38
C ALA A 72 -7.39 14.68 19.18
N GLN A 73 -7.23 15.73 19.95
N GLN A 73 -7.22 15.73 19.95
CA GLN A 73 -8.38 16.28 20.67
CA GLN A 73 -8.35 16.35 20.64
C GLN A 73 -9.44 16.82 19.73
C GLN A 73 -9.46 16.73 19.68
N SER A 74 -9.10 17.38 18.58
CA SER A 74 -10.11 17.80 17.61
C SER A 74 -10.75 16.60 16.93
N VAL A 75 -10.00 15.52 16.65
CA VAL A 75 -10.62 14.30 16.15
C VAL A 75 -11.66 13.81 17.12
N LYS A 76 -11.32 13.76 18.41
CA LYS A 76 -12.27 13.37 19.45
C LYS A 76 -13.47 14.30 19.48
N ASN A 77 -13.25 15.59 19.45
CA ASN A 77 -14.37 16.55 19.44
C ASN A 77 -15.31 16.30 18.29
N ALA A 78 -14.81 15.88 17.13
CA ALA A 78 -15.63 15.64 15.95
C ALA A 78 -16.25 14.26 15.96
N GLY A 79 -16.05 13.43 16.99
CA GLY A 79 -16.58 12.04 17.00
C GLY A 79 -15.97 11.21 15.85
N MET A 80 -14.69 11.51 15.56
CA MET A 80 -14.04 10.79 14.44
C MET A 80 -12.93 9.87 14.95
N LYS A 81 -12.29 9.18 14.01
CA LYS A 81 -11.12 8.37 14.30
C LYS A 81 -9.95 8.88 13.46
N MET A 82 -8.76 8.51 13.90
CA MET A 82 -7.53 8.91 13.18
C MET A 82 -6.58 7.73 13.14
N ILE A 83 -5.69 7.81 12.13
CA ILE A 83 -4.63 6.85 11.91
C ILE A 83 -3.35 7.62 11.87
N PRO A 84 -2.60 7.73 12.97
CA PRO A 84 -1.31 8.41 12.91
C PRO A 84 -0.31 7.67 12.01
N ILE A 85 0.47 8.45 11.27
CA ILE A 85 1.63 7.95 10.59
C ILE A 85 2.83 8.51 11.29
N ILE A 86 3.72 7.62 11.78
CA ILE A 86 4.93 8.11 12.46
C ILE A 86 5.95 8.36 11.39
N SER A 87 5.93 9.58 10.86
CA SER A 87 6.62 9.89 9.59
C SER A 87 8.06 10.26 9.82
N THR A 88 8.88 9.18 9.83
CA THR A 88 10.32 9.29 10.01
C THR A 88 11.02 9.62 8.70
N HIS A 89 10.31 10.10 7.70
CA HIS A 89 10.86 10.55 6.44
C HIS A 89 10.56 12.05 6.27
N GLN A 90 11.24 12.61 5.26
CA GLN A 90 11.08 14.04 4.90
C GLN A 90 9.79 14.32 4.18
N CYS A 91 9.10 15.37 4.57
CA CYS A 91 8.03 15.95 3.75
C CYS A 91 8.67 16.96 2.78
N GLY A 92 8.44 16.81 1.49
CA GLY A 92 9.02 17.72 0.51
C GLY A 92 9.90 16.92 -0.42
N GLY A 93 9.68 17.20 -1.70
CA GLY A 93 10.52 16.45 -2.65
C GLY A 93 9.90 15.26 -3.36
N ASN A 94 8.80 14.66 -2.89
CA ASN A 94 8.09 13.59 -3.55
C ASN A 94 6.81 14.07 -4.19
N VAL A 95 6.24 13.29 -5.10
CA VAL A 95 5.12 13.79 -5.93
C VAL A 95 3.96 14.26 -5.07
N GLY A 96 3.43 15.44 -5.34
CA GLY A 96 2.27 15.97 -4.63
C GLY A 96 2.66 16.70 -3.37
N ASP A 97 3.92 16.63 -2.90
CA ASP A 97 4.26 17.25 -1.62
C ASP A 97 4.12 18.76 -1.69
N ASP A 98 3.55 19.33 -0.64
CA ASP A 98 3.43 20.77 -0.49
CA ASP A 98 3.44 20.78 -0.49
C ASP A 98 3.68 21.04 1.00
N CYS A 99 4.97 21.00 1.29
CA CYS A 99 5.50 21.00 2.66
C CYS A 99 7.02 21.02 2.63
N ASN A 100 7.63 21.23 3.76
CA ASN A 100 9.07 21.18 3.85
C ASN A 100 9.40 20.83 5.27
N VAL A 101 9.51 19.51 5.54
CA VAL A 101 9.84 19.05 6.89
C VAL A 101 10.89 17.95 6.78
N PRO A 102 12.17 18.32 6.75
CA PRO A 102 13.24 17.33 6.79
C PRO A 102 13.19 16.58 8.11
N ILE A 103 13.82 15.40 8.15
CA ILE A 103 13.95 14.72 9.45
C ILE A 103 14.92 15.55 10.28
N PRO A 104 14.95 15.35 11.60
CA PRO A 104 15.73 16.27 12.46
C PRO A 104 17.20 16.31 12.10
N SER A 105 17.74 17.52 12.02
CA SER A 105 19.05 17.67 11.40
C SER A 105 20.13 17.05 12.26
N TRP A 106 19.94 16.97 13.57
CA TRP A 106 20.97 16.39 14.45
C TRP A 106 21.15 14.92 14.17
N VAL A 107 20.18 14.26 13.50
CA VAL A 107 20.39 12.79 13.38
C VAL A 107 21.64 12.50 12.58
N TRP A 108 21.96 13.37 11.61
CA TRP A 108 23.07 13.12 10.69
C TRP A 108 24.39 13.14 11.44
N ASN A 109 24.44 13.69 12.64
CA ASN A 109 25.71 13.82 13.36
C ASN A 109 25.92 12.65 14.26
N GLN A 110 25.03 11.68 14.25
CA GLN A 110 25.15 10.49 15.13
C GLN A 110 26.22 9.52 14.65
N LYS A 111 26.69 9.69 13.41
CA LYS A 111 27.75 8.83 12.87
C LYS A 111 28.78 9.67 12.13
N SER A 112 30.03 9.24 12.10
CA SER A 112 31.01 9.99 11.31
C SER A 112 31.31 9.23 10.02
N ASP A 113 30.75 8.04 9.87
CA ASP A 113 30.90 7.33 8.59
C ASP A 113 29.74 7.73 7.69
N ASP A 114 29.49 7.01 6.59
CA ASP A 114 28.41 7.35 5.67
C ASP A 114 27.25 6.32 5.79
N SER A 115 27.14 5.71 6.96
CA SER A 115 26.15 4.67 7.20
C SER A 115 24.72 5.14 7.21
N LEU A 116 24.47 6.45 7.46
CA LEU A 116 23.11 6.91 7.71
C LEU A 116 22.41 7.31 6.46
N TYR A 117 23.10 7.56 5.35
CA TYR A 117 22.38 8.11 4.18
C TYR A 117 22.58 7.19 2.98
N PHE A 118 22.06 7.59 1.83
CA PHE A 118 22.17 6.82 0.60
C PHE A 118 23.04 7.55 -0.39
N LYS A 119 23.73 6.78 -1.23
CA LYS A 119 24.40 7.36 -2.39
C LYS A 119 24.07 6.48 -3.60
N SER A 120 23.74 7.14 -4.70
CA SER A 120 23.34 6.44 -5.91
C SER A 120 24.54 5.99 -6.74
N GLU A 121 24.26 5.26 -7.80
CA GLU A 121 25.26 4.83 -8.76
C GLU A 121 26.16 5.97 -9.21
N THR A 122 25.61 7.18 -9.30
CA THR A 122 26.39 8.30 -9.83
C THR A 122 26.77 9.30 -8.74
N GLY A 123 26.58 8.91 -7.47
CA GLY A 123 27.07 9.71 -6.35
C GLY A 123 26.07 10.63 -5.73
N THR A 124 24.81 10.58 -6.17
CA THR A 124 23.83 11.49 -5.58
C THR A 124 23.50 11.07 -4.17
N VAL A 125 23.64 11.99 -3.22
CA VAL A 125 23.38 11.72 -1.82
C VAL A 125 21.91 11.97 -1.56
N ASN A 126 21.28 11.03 -0.83
CA ASN A 126 19.87 11.23 -0.43
C ASN A 126 19.81 11.13 1.11
N LYS A 127 19.15 12.13 1.70
CA LYS A 127 19.02 12.24 3.17
C LYS A 127 17.55 12.44 3.54
N GLU A 128 16.64 11.83 2.76
CA GLU A 128 15.22 11.92 3.01
CA GLU A 128 15.23 12.09 3.12
C GLU A 128 14.74 11.12 4.20
N THR A 129 15.54 10.12 4.55
CA THR A 129 15.15 9.10 5.55
C THR A 129 16.43 8.39 5.93
N LEU A 130 16.51 7.78 7.09
CA LEU A 130 17.72 7.04 7.45
C LEU A 130 17.89 5.82 6.61
N ASN A 131 19.10 5.52 6.23
CA ASN A 131 19.40 4.33 5.47
C ASN A 131 19.08 3.11 6.36
N PRO A 132 18.25 2.17 5.90
CA PRO A 132 17.92 1.00 6.72
C PRO A 132 19.10 0.10 7.00
N LEU A 133 20.27 0.31 6.37
CA LEU A 133 21.46 -0.40 6.84
C LEU A 133 21.87 -0.03 8.25
N ALA A 134 21.50 1.16 8.70
CA ALA A 134 21.98 1.67 9.97
C ALA A 134 21.03 1.16 11.07
N SER A 135 20.97 -0.15 11.28
CA SER A 135 19.91 -0.77 12.08
C SER A 135 20.09 -0.42 13.55
N ASP A 136 21.34 -0.19 14.02
CA ASP A 136 21.58 0.22 15.40
CA ASP A 136 21.41 0.14 15.46
C ASP A 136 20.91 1.57 15.67
N VAL A 137 21.16 2.51 14.78
CA VAL A 137 20.59 3.88 14.93
C VAL A 137 19.08 3.87 14.80
N ILE A 138 18.57 3.10 13.80
CA ILE A 138 17.11 2.98 13.67
C ILE A 138 16.52 2.37 14.93
N ARG A 139 17.16 1.28 15.47
CA ARG A 139 16.57 0.66 16.68
C ARG A 139 16.48 1.69 17.77
N LYS A 140 17.59 2.42 18.02
CA LYS A 140 17.59 3.41 19.08
C LYS A 140 16.60 4.52 18.81
N GLU A 141 16.70 5.17 17.66
CA GLU A 141 15.93 6.39 17.45
C GLU A 141 14.46 6.09 17.22
N TYR A 142 14.14 5.06 16.41
CA TYR A 142 12.71 4.77 16.20
C TYR A 142 12.13 4.19 17.50
N GLY A 143 12.90 3.34 18.21
CA GLY A 143 12.33 2.84 19.44
C GLY A 143 11.99 3.95 20.43
N GLU A 144 12.93 4.89 20.56
CA GLU A 144 12.69 6.02 21.48
C GLU A 144 11.53 6.87 21.01
N LEU A 145 11.46 7.14 19.70
CA LEU A 145 10.38 7.99 19.20
C LEU A 145 9.03 7.31 19.36
N TYR A 146 8.96 6.04 18.99
CA TYR A 146 7.69 5.30 19.11
C TYR A 146 7.25 5.22 20.57
N THR A 147 8.22 4.97 21.47
CA THR A 147 7.84 4.89 22.90
C THR A 147 7.34 6.20 23.44
N ALA A 148 8.06 7.30 23.06
CA ALA A 148 7.62 8.61 23.59
C ALA A 148 6.31 9.04 22.99
N PHE A 149 6.07 8.77 21.70
CA PHE A 149 4.81 9.11 21.06
C PHE A 149 3.69 8.33 21.76
N ALA A 150 3.93 7.05 22.06
CA ALA A 150 2.86 6.27 22.72
C ALA A 150 2.47 6.85 24.05
N ALA A 151 3.47 7.30 24.85
CA ALA A 151 3.17 7.83 26.17
C ALA A 151 2.42 9.15 26.04
N ALA A 152 2.80 10.01 25.09
CA ALA A 152 2.23 11.32 24.92
C ALA A 152 0.81 11.17 24.41
N MET A 153 0.49 10.14 23.63
CA MET A 153 -0.77 9.97 22.94
C MET A 153 -1.69 8.96 23.60
N LYS A 154 -1.24 8.31 24.69
CA LYS A 154 -2.08 7.38 25.44
C LYS A 154 -3.43 7.99 25.77
N PRO A 155 -3.61 9.25 26.19
CA PRO A 155 -4.95 9.75 26.51
C PRO A 155 -5.92 9.70 25.34
N TYR A 156 -5.45 9.58 24.11
CA TYR A 156 -6.25 9.62 22.88
C TYR A 156 -6.44 8.23 22.29
N LYS A 157 -6.16 7.19 23.08
CA LYS A 157 -6.30 5.82 22.59
C LYS A 157 -7.61 5.57 21.93
N ASP A 158 -8.68 6.17 22.47
CA ASP A 158 -10.08 5.92 21.99
C ASP A 158 -10.29 6.38 20.56
N VAL A 159 -9.50 7.31 20.06
CA VAL A 159 -9.76 7.75 18.67
C VAL A 159 -8.74 7.22 17.69
N ILE A 160 -7.72 6.46 18.17
CA ILE A 160 -6.69 5.92 17.25
C ILE A 160 -7.10 4.55 16.78
N ALA A 161 -7.33 4.40 15.46
CA ALA A 161 -7.84 3.16 14.90
C ALA A 161 -6.74 2.23 14.43
N LYS A 162 -5.57 2.75 14.09
CA LYS A 162 -4.44 2.03 13.48
C LYS A 162 -3.26 2.97 13.57
N ILE A 163 -2.07 2.44 13.49
CA ILE A 163 -0.87 3.28 13.39
C ILE A 163 -0.07 2.79 12.19
N TYR A 164 0.38 3.76 11.38
CA TYR A 164 1.27 3.47 10.29
C TYR A 164 2.72 3.84 10.63
N LEU A 165 3.63 3.00 10.17
CA LEU A 165 5.07 3.28 10.23
C LEU A 165 5.54 3.78 8.88
N SER A 166 6.68 4.43 8.89
CA SER A 166 7.31 4.87 7.65
C SER A 166 8.57 4.05 7.40
N GLY A 167 8.50 3.24 6.34
CA GLY A 167 9.66 2.38 6.03
C GLY A 167 10.70 3.00 5.11
N GLY A 168 10.56 4.28 4.76
CA GLY A 168 11.46 4.88 3.80
C GLY A 168 10.85 6.14 3.23
N PRO A 169 11.39 6.59 2.09
CA PRO A 169 10.99 7.82 1.46
C PRO A 169 9.50 7.80 1.16
N ALA A 170 8.87 8.99 1.31
CA ALA A 170 7.43 9.17 1.06
C ALA A 170 6.65 8.20 1.93
N GLY A 171 7.21 7.74 3.06
CA GLY A 171 6.45 6.84 3.94
C GLY A 171 6.36 5.43 3.42
N GLU A 172 7.17 5.07 2.44
CA GLU A 172 7.12 3.76 1.78
C GLU A 172 8.40 2.98 2.05
N LEU A 173 8.25 1.68 2.24
CA LEU A 173 9.42 0.78 2.37
C LEU A 173 10.07 0.63 1.00
N ARG A 174 11.16 1.33 0.74
CA ARG A 174 11.83 1.36 -0.56
C ARG A 174 13.13 2.18 -0.40
N TYR A 175 13.95 2.07 -1.47
CA TYR A 175 15.09 2.99 -1.59
C TYR A 175 14.65 4.23 -2.36
N PRO A 176 15.37 5.34 -2.19
CA PRO A 176 15.03 6.59 -2.90
C PRO A 176 15.63 6.60 -4.30
N SER A 177 15.15 5.65 -5.15
CA SER A 177 15.78 5.37 -6.46
C SER A 177 15.21 6.22 -7.58
N TYR A 178 14.16 7.00 -7.31
CA TYR A 178 13.53 7.86 -8.32
C TYR A 178 13.40 9.27 -7.79
N THR A 179 14.40 10.07 -8.16
CA THR A 179 14.45 11.46 -7.65
C THR A 179 14.97 12.39 -8.75
N THR A 180 14.51 13.63 -8.70
CA THR A 180 14.95 14.59 -9.70
C THR A 180 16.45 14.81 -9.67
N SER A 181 17.03 14.95 -8.47
CA SER A 181 18.47 15.27 -8.40
C SER A 181 19.32 14.16 -8.98
N ASP A 182 18.84 12.91 -8.90
CA ASP A 182 19.57 11.78 -9.44
C ASP A 182 19.19 11.48 -10.87
N GLY A 183 18.32 12.24 -11.50
CA GLY A 183 18.02 11.94 -12.90
C GLY A 183 17.17 10.69 -13.07
N THR A 184 16.43 10.31 -12.04
CA THR A 184 15.74 9.02 -12.04
C THR A 184 14.25 9.20 -11.78
N GLY A 185 13.74 10.42 -11.92
CA GLY A 185 12.33 10.59 -11.72
C GLY A 185 11.50 9.83 -12.73
N TYR A 186 10.24 9.52 -12.40
CA TYR A 186 9.29 8.95 -13.34
C TYR A 186 9.42 9.66 -14.68
N PRO A 187 9.41 9.01 -15.82
CA PRO A 187 9.29 7.57 -15.98
C PRO A 187 10.62 6.89 -16.24
N SER A 188 11.72 7.43 -15.77
CA SER A 188 13.04 6.90 -16.07
C SER A 188 13.33 5.63 -15.30
N ARG A 189 14.34 4.90 -15.76
CA ARG A 189 14.88 3.82 -14.94
C ARG A 189 15.38 4.41 -13.63
N GLY A 190 15.36 3.57 -12.60
CA GLY A 190 15.92 3.96 -11.30
C GLY A 190 17.41 3.70 -11.22
N LYS A 191 18.05 4.30 -10.24
CA LYS A 191 19.44 3.97 -9.93
C LYS A 191 19.50 3.26 -8.59
N PHE A 192 20.32 2.25 -8.49
CA PHE A 192 20.57 1.59 -7.22
C PHE A 192 21.19 2.58 -6.25
N GLN A 193 20.85 2.37 -4.97
CA GLN A 193 21.12 3.33 -3.88
C GLN A 193 22.00 2.72 -2.79
N ALA A 194 23.02 1.98 -3.23
CA ALA A 194 23.91 1.25 -2.29
C ALA A 194 25.37 1.52 -2.56
N TYR A 195 25.72 2.82 -2.75
CA TYR A 195 27.10 3.19 -3.12
C TYR A 195 27.81 3.97 -2.06
N THR A 196 27.22 4.13 -0.87
CA THR A 196 28.06 4.57 0.27
C THR A 196 29.12 3.52 0.55
N GLU A 197 30.19 3.95 1.16
CA GLU A 197 31.20 2.99 1.57
C GLU A 197 30.61 1.97 2.54
N PHE A 198 29.71 2.41 3.41
CA PHE A 198 29.06 1.51 4.34
C PHE A 198 28.26 0.46 3.60
N ALA A 199 27.46 0.87 2.60
CA ALA A 199 26.68 -0.13 1.87
C ALA A 199 27.57 -1.10 1.13
N LYS A 200 28.69 -0.64 0.58
CA LYS A 200 29.63 -1.57 -0.08
C LYS A 200 30.17 -2.56 0.92
N SER A 201 30.56 -2.06 2.09
CA SER A 201 31.08 -2.98 3.16
C SER A 201 30.01 -3.96 3.57
N LYS A 202 28.76 -3.52 3.75
CA LYS A 202 27.73 -4.46 4.19
C LYS A 202 27.47 -5.52 3.15
N PHE A 203 27.38 -5.21 1.86
CA PHE A 203 27.20 -6.23 0.83
C PHE A 203 28.40 -7.17 0.86
N ARG A 204 29.63 -6.63 0.90
CA ARG A 204 30.83 -7.49 0.92
C ARG A 204 30.79 -8.47 2.05
N LEU A 205 30.47 -8.02 3.26
CA LEU A 205 30.43 -8.88 4.44
C LEU A 205 29.32 -9.88 4.34
N TRP A 206 28.17 -9.53 3.74
CA TRP A 206 27.08 -10.45 3.49
C TRP A 206 27.51 -11.56 2.56
N VAL A 207 28.19 -11.19 1.46
CA VAL A 207 28.65 -12.20 0.51
C VAL A 207 29.66 -13.14 1.14
N LEU A 208 30.60 -12.58 1.93
CA LEU A 208 31.64 -13.42 2.55
C LEU A 208 31.01 -14.25 3.67
N ASN A 209 29.92 -13.81 4.29
CA ASN A 209 29.22 -14.66 5.25
C ASN A 209 28.56 -15.80 4.49
N LYS A 210 27.95 -15.54 3.36
CA LYS A 210 27.23 -16.59 2.61
C LYS A 210 28.19 -17.71 2.14
N TYR A 211 29.36 -17.28 1.66
CA TYR A 211 30.23 -18.25 0.99
C TYR A 211 31.49 -18.56 1.76
N GLY A 212 31.84 -17.80 2.78
CA GLY A 212 33.00 -18.08 3.63
C GLY A 212 34.25 -17.34 3.18
N SER A 213 34.65 -17.52 1.92
CA SER A 213 35.91 -17.04 1.42
C SER A 213 35.72 -16.50 -0.01
N LEU A 214 36.64 -15.67 -0.45
CA LEU A 214 36.65 -15.17 -1.81
C LEU A 214 36.76 -16.35 -2.78
N ASN A 215 37.55 -17.37 -2.44
CA ASN A 215 37.68 -18.50 -3.40
C ASN A 215 36.29 -19.11 -3.63
N GLU A 216 35.47 -19.26 -2.56
CA GLU A 216 34.11 -19.81 -2.77
C GLU A 216 33.17 -18.82 -3.42
N VAL A 217 33.34 -17.52 -3.20
CA VAL A 217 32.54 -16.52 -3.93
C VAL A 217 32.80 -16.66 -5.41
N ASN A 218 34.08 -16.79 -5.79
CA ASN A 218 34.39 -16.89 -7.22
C ASN A 218 33.83 -18.17 -7.81
N LYS A 219 33.87 -19.28 -7.06
CA LYS A 219 33.25 -20.51 -7.57
CA LYS A 219 33.24 -20.52 -7.55
C LYS A 219 31.75 -20.31 -7.75
N ALA A 220 31.07 -19.66 -6.82
CA ALA A 220 29.63 -19.48 -6.93
C ALA A 220 29.23 -18.56 -8.05
N TRP A 221 30.02 -17.50 -8.26
CA TRP A 221 29.64 -16.50 -9.25
C TRP A 221 30.28 -16.76 -10.61
N GLY A 222 31.20 -17.70 -10.70
CA GLY A 222 31.92 -17.91 -11.96
C GLY A 222 32.84 -16.75 -12.30
N THR A 223 33.38 -16.07 -11.29
CA THR A 223 34.19 -14.87 -11.47
C THR A 223 35.64 -15.10 -11.11
N LYS A 224 36.47 -14.10 -11.35
CA LYS A 224 37.91 -14.15 -11.10
C LYS A 224 38.31 -12.92 -10.30
N LEU A 225 37.49 -12.59 -9.29
CA LEU A 225 37.83 -11.44 -8.46
C LEU A 225 39.15 -11.70 -7.72
N ILE A 226 40.04 -10.72 -7.75
CA ILE A 226 41.39 -10.97 -7.17
C ILE A 226 41.42 -10.75 -5.68
N SER A 227 40.63 -9.82 -5.14
CA SER A 227 40.68 -9.53 -3.72
C SER A 227 39.26 -9.21 -3.30
N GLU A 228 39.04 -9.24 -1.98
CA GLU A 228 37.69 -9.07 -1.43
C GLU A 228 37.14 -7.68 -1.71
N LEU A 229 38.00 -6.69 -1.87
CA LEU A 229 37.57 -5.35 -2.17
C LEU A 229 36.95 -5.24 -3.55
N ALA A 230 37.10 -6.27 -4.41
CA ALA A 230 36.43 -6.28 -5.71
C ALA A 230 35.01 -6.81 -5.61
N ILE A 231 34.56 -7.26 -4.43
CA ILE A 231 33.15 -7.53 -4.21
C ILE A 231 32.47 -6.17 -4.04
N LEU A 232 31.66 -5.82 -5.05
CA LEU A 232 31.08 -4.47 -5.12
C LEU A 232 29.67 -4.55 -5.68
N PRO A 233 28.91 -3.48 -5.50
N PRO A 233 28.83 -3.55 -5.46
CA PRO A 233 27.64 -3.28 -6.18
CA PRO A 233 27.56 -3.44 -6.17
C PRO A 233 27.86 -3.09 -7.68
C PRO A 233 27.84 -3.11 -7.65
N PRO A 234 26.82 -3.17 -8.49
CA PRO A 234 27.06 -3.03 -9.94
C PRO A 234 27.71 -1.71 -10.32
N SER A 235 28.75 -1.76 -11.13
CA SER A 235 29.41 -0.56 -11.65
CA SER A 235 29.38 -0.51 -11.60
C SER A 235 28.66 0.05 -12.83
N ASP A 236 27.77 -0.72 -13.44
CA ASP A 236 26.98 -0.21 -14.60
C ASP A 236 25.57 -0.69 -14.35
N GLY A 237 24.76 0.17 -13.71
CA GLY A 237 23.40 -0.22 -13.33
C GLY A 237 22.54 -0.55 -14.53
N GLU A 238 22.73 0.20 -15.63
CA GLU A 238 21.94 -0.11 -16.81
C GLU A 238 22.27 -1.51 -17.33
N GLN A 239 23.56 -1.88 -17.41
CA GLN A 239 23.90 -3.24 -17.85
C GLN A 239 23.38 -4.24 -16.87
N PHE A 240 23.43 -3.95 -15.58
CA PHE A 240 22.92 -4.89 -14.58
C PHE A 240 21.45 -5.17 -14.84
N LEU A 241 20.66 -4.13 -15.10
CA LEU A 241 19.24 -4.31 -15.34
C LEU A 241 18.97 -4.93 -16.72
N MET A 242 19.89 -4.77 -17.68
CA MET A 242 19.70 -5.40 -18.98
C MET A 242 19.91 -6.90 -18.93
N ASN A 243 20.98 -7.35 -18.22
CA ASN A 243 21.28 -8.79 -18.23
C ASN A 243 22.07 -9.21 -17.04
N GLY A 244 22.76 -8.34 -16.27
CA GLY A 244 23.54 -8.84 -15.13
C GLY A 244 22.69 -9.45 -14.04
N TYR A 245 21.44 -9.04 -13.95
CA TYR A 245 20.51 -9.56 -12.94
C TYR A 245 20.34 -11.04 -13.02
N LEU A 246 20.54 -11.64 -14.20
CA LEU A 246 20.31 -13.09 -14.36
C LEU A 246 21.38 -13.97 -13.76
N SER A 247 22.57 -13.40 -13.53
CA SER A 247 23.73 -14.17 -13.06
C SER A 247 23.55 -14.51 -11.57
N MET A 248 24.40 -15.45 -11.14
CA MET A 248 24.42 -15.75 -9.72
C MET A 248 24.80 -14.51 -8.90
N TYR A 249 25.78 -13.75 -9.39
CA TYR A 249 26.08 -12.48 -8.74
C TYR A 249 24.81 -11.63 -8.62
N GLY A 250 24.09 -11.48 -9.74
CA GLY A 250 22.93 -10.60 -9.77
C GLY A 250 21.84 -11.06 -8.82
N LYS A 251 21.59 -12.37 -8.76
CA LYS A 251 20.59 -12.86 -7.82
C LYS A 251 21.07 -12.58 -6.40
N ASP A 252 22.34 -12.76 -6.09
CA ASP A 252 22.85 -12.48 -4.73
C ASP A 252 22.74 -10.98 -4.43
N TYR A 253 23.13 -10.10 -5.37
CA TYR A 253 23.07 -8.66 -5.15
CA TYR A 253 23.07 -8.67 -5.06
C TYR A 253 21.64 -8.26 -4.80
N LEU A 254 20.69 -8.74 -5.64
CA LEU A 254 19.28 -8.34 -5.43
C LEU A 254 18.72 -8.96 -4.18
N GLU A 255 19.09 -10.18 -3.81
CA GLU A 255 18.67 -10.79 -2.57
C GLU A 255 19.11 -9.92 -1.40
N TRP A 256 20.39 -9.51 -1.40
CA TRP A 256 20.93 -8.67 -0.34
C TRP A 256 20.20 -7.32 -0.32
N TYR A 257 20.09 -6.71 -1.48
CA TYR A 257 19.55 -5.33 -1.59
C TYR A 257 18.11 -5.27 -1.12
N GLN A 258 17.26 -6.15 -1.59
CA GLN A 258 15.86 -6.22 -1.11
C GLN A 258 15.85 -6.70 0.34
N GLY A 259 16.78 -7.58 0.71
CA GLY A 259 16.83 -8.12 2.07
C GLY A 259 17.03 -7.05 3.10
N ILE A 260 17.74 -5.95 2.74
CA ILE A 260 17.87 -4.85 3.72
C ILE A 260 16.50 -4.32 4.04
N LEU A 261 15.60 -4.18 3.08
CA LEU A 261 14.25 -3.68 3.34
C LEU A 261 13.45 -4.69 4.14
N GLU A 262 13.61 -5.97 3.88
CA GLU A 262 12.91 -7.00 4.64
C GLU A 262 13.36 -6.99 6.09
N ASN A 263 14.66 -6.82 6.32
CA ASN A 263 15.12 -6.80 7.71
C ASN A 263 14.67 -5.54 8.40
N HIS A 264 14.61 -4.45 7.64
CA HIS A 264 14.09 -3.19 8.25
C HIS A 264 12.65 -3.33 8.61
N THR A 265 11.84 -4.01 7.79
CA THR A 265 10.43 -4.27 8.12
C THR A 265 10.30 -5.04 9.40
N LYS A 266 11.12 -6.10 9.55
CA LYS A 266 11.18 -6.91 10.81
C LYS A 266 11.48 -5.99 12.01
N LEU A 267 12.50 -5.14 11.85
CA LEU A 267 12.93 -4.31 12.97
C LEU A 267 11.85 -3.29 13.33
N ILE A 268 11.33 -2.53 12.36
CA ILE A 268 10.38 -1.47 12.75
C ILE A 268 9.09 -2.12 13.24
N GLY A 269 8.72 -3.29 12.75
CA GLY A 269 7.54 -3.97 13.26
C GLY A 269 7.76 -4.41 14.72
N GLU A 270 8.93 -4.93 15.06
CA GLU A 270 9.24 -5.28 16.47
C GLU A 270 9.15 -4.03 17.35
N LEU A 271 9.78 -2.94 16.91
CA LEU A 271 9.79 -1.73 17.70
C LEU A 271 8.37 -1.18 17.89
N ALA A 272 7.56 -1.23 16.86
CA ALA A 272 6.23 -0.63 16.91
C ALA A 272 5.32 -1.47 17.78
N HIS A 273 5.37 -2.80 17.60
CA HIS A 273 4.52 -3.65 18.48
C HIS A 273 4.89 -3.49 19.92
N ASN A 274 6.20 -3.42 20.19
CA ASN A 274 6.60 -3.22 21.60
C ASN A 274 6.14 -1.87 22.10
N ALA A 275 6.25 -0.82 21.29
CA ALA A 275 5.87 0.52 21.78
C ALA A 275 4.36 0.69 21.90
N PHE A 276 3.59 0.01 21.03
CA PHE A 276 2.17 0.39 20.88
C PHE A 276 1.16 -0.65 21.32
N ASP A 277 1.52 -1.94 21.35
CA ASP A 277 0.44 -2.92 21.50
C ASP A 277 -0.23 -2.79 22.89
N THR A 278 0.50 -2.57 23.95
CA THR A 278 -0.17 -2.53 25.28
C THR A 278 -0.98 -1.26 25.40
N THR A 279 -0.50 -0.12 24.92
CA THR A 279 -1.13 1.18 25.07
C THR A 279 -2.36 1.28 24.17
N PHE A 280 -2.26 0.85 22.91
CA PHE A 280 -3.28 1.11 21.91
C PHE A 280 -3.96 -0.16 21.44
N GLN A 281 -3.27 -1.29 21.29
CA GLN A 281 -3.93 -2.52 20.82
C GLN A 281 -4.62 -2.30 19.48
N VAL A 282 -3.89 -1.73 18.53
CA VAL A 282 -4.45 -1.51 17.18
C VAL A 282 -3.58 -2.12 16.09
N PRO A 283 -4.16 -2.34 14.92
CA PRO A 283 -3.31 -2.76 13.78
C PRO A 283 -2.23 -1.76 13.49
N ILE A 284 -1.10 -2.30 13.04
CA ILE A 284 0.04 -1.50 12.66
C ILE A 284 0.33 -1.83 11.21
N GLY A 285 0.54 -0.80 10.38
CA GLY A 285 0.77 -1.03 8.95
C GLY A 285 2.01 -0.34 8.44
N ALA A 286 2.40 -0.70 7.22
CA ALA A 286 3.45 0.00 6.49
C ALA A 286 3.08 -0.02 5.01
N LYS A 287 3.79 0.71 4.18
CA LYS A 287 3.36 0.99 2.81
C LYS A 287 4.42 0.54 1.82
N ILE A 288 3.95 0.07 0.68
CA ILE A 288 4.80 -0.21 -0.48
C ILE A 288 4.36 0.65 -1.64
N ALA A 289 5.31 1.26 -2.34
CA ALA A 289 5.01 2.10 -3.51
C ALA A 289 4.59 1.25 -4.71
N GLY A 290 3.82 1.86 -5.60
CA GLY A 290 3.52 1.26 -6.89
C GLY A 290 4.47 1.80 -7.95
N VAL A 291 5.58 1.08 -8.13
CA VAL A 291 6.62 1.55 -9.07
C VAL A 291 6.29 0.93 -10.42
N HIS A 292 5.35 1.57 -11.13
CA HIS A 292 4.72 0.90 -12.24
C HIS A 292 5.39 1.14 -13.58
N TRP A 293 6.31 2.10 -13.65
CA TRP A 293 6.98 2.46 -14.89
C TRP A 293 8.20 1.56 -15.10
N GLN A 294 8.53 1.36 -16.37
CA GLN A 294 9.58 0.43 -16.81
C GLN A 294 9.27 -1.01 -16.47
N TYR A 295 8.02 -1.30 -16.14
CA TYR A 295 7.61 -2.67 -15.80
C TYR A 295 7.96 -3.63 -16.93
N ASN A 296 7.45 -3.33 -18.13
CA ASN A 296 7.67 -4.23 -19.28
C ASN A 296 8.60 -3.58 -20.32
N ASN A 297 9.61 -2.80 -19.85
CA ASN A 297 10.63 -2.39 -20.84
C ASN A 297 11.38 -3.64 -21.26
N PRO A 298 11.50 -3.93 -22.59
CA PRO A 298 12.13 -5.19 -23.01
C PRO A 298 13.65 -5.15 -22.77
N THR A 299 14.26 -3.98 -22.73
CA THR A 299 15.71 -3.91 -22.56
C THR A 299 16.13 -3.87 -21.09
N ILE A 300 15.33 -3.25 -20.22
CA ILE A 300 15.59 -3.15 -18.79
C ILE A 300 14.34 -3.56 -18.03
N PRO A 301 14.03 -4.85 -18.01
CA PRO A 301 12.79 -5.27 -17.39
C PRO A 301 12.70 -4.85 -15.91
N HIS A 302 11.55 -4.32 -15.53
CA HIS A 302 11.35 -3.87 -14.15
C HIS A 302 12.45 -2.94 -13.71
N GLY A 303 12.82 -1.99 -14.60
CA GLY A 303 13.98 -1.17 -14.44
C GLY A 303 13.83 -0.02 -13.48
N ALA A 304 12.62 0.23 -12.98
CA ALA A 304 12.43 1.17 -11.87
C ALA A 304 12.15 0.42 -10.57
N GLU A 305 11.44 -0.73 -10.63
CA GLU A 305 11.20 -1.50 -9.41
C GLU A 305 12.45 -2.06 -8.79
N LYS A 306 13.34 -2.66 -9.57
CA LYS A 306 14.50 -3.31 -8.92
C LYS A 306 15.36 -2.30 -8.17
N PRO A 307 15.68 -1.14 -8.74
CA PRO A 307 16.44 -0.16 -7.96
C PRO A 307 15.70 0.38 -6.76
N ALA A 308 14.37 0.37 -6.77
CA ALA A 308 13.60 0.77 -5.60
C ALA A 308 13.68 -0.28 -4.50
N GLY A 309 14.18 -1.48 -4.77
CA GLY A 309 14.27 -2.55 -3.80
C GLY A 309 13.23 -3.64 -4.05
N TYR A 310 12.47 -3.56 -5.12
CA TYR A 310 11.34 -4.48 -5.36
C TYR A 310 11.72 -5.46 -6.44
N ASN A 311 12.36 -6.56 -6.03
CA ASN A 311 12.77 -7.59 -6.98
C ASN A 311 11.85 -8.80 -6.90
N ASP A 312 11.38 -9.14 -5.70
CA ASP A 312 10.54 -10.32 -5.50
C ASP A 312 9.46 -9.97 -4.52
N TYR A 313 8.26 -9.67 -5.03
CA TYR A 313 7.21 -9.18 -4.13
C TYR A 313 6.72 -10.24 -3.18
N SER A 314 6.77 -11.52 -3.59
CA SER A 314 6.32 -12.57 -2.67
C SER A 314 7.19 -12.57 -1.43
N HIS A 315 8.51 -12.50 -1.64
CA HIS A 315 9.48 -12.46 -0.55
CA HIS A 315 9.45 -12.54 -0.49
C HIS A 315 9.31 -11.24 0.32
N LEU A 316 9.09 -10.11 -0.38
CA LEU A 316 8.92 -8.85 0.36
C LEU A 316 7.69 -8.90 1.27
N LEU A 317 6.58 -9.39 0.74
CA LEU A 317 5.35 -9.50 1.53
C LEU A 317 5.51 -10.48 2.68
N ASP A 318 6.28 -11.54 2.50
CA ASP A 318 6.48 -12.47 3.62
C ASP A 318 7.08 -11.72 4.83
N ALA A 319 7.92 -10.69 4.60
CA ALA A 319 8.47 -9.93 5.72
C ALA A 319 7.40 -9.16 6.45
N PHE A 320 6.40 -8.62 5.75
CA PHE A 320 5.28 -7.95 6.41
C PHE A 320 4.51 -8.95 7.27
N LYS A 321 4.26 -10.15 6.73
CA LYS A 321 3.51 -11.17 7.49
C LYS A 321 4.29 -11.51 8.74
N SER A 322 5.57 -11.78 8.60
CA SER A 322 6.39 -12.16 9.80
C SER A 322 6.38 -11.05 10.81
N ALA A 323 6.48 -9.77 10.36
CA ALA A 323 6.51 -8.64 11.27
C ALA A 323 5.16 -8.25 11.84
N LYS A 324 4.09 -8.92 11.46
CA LYS A 324 2.73 -8.59 11.86
C LYS A 324 2.40 -7.14 11.52
N LEU A 325 2.69 -6.78 10.26
CA LEU A 325 2.33 -5.49 9.71
C LEU A 325 1.35 -5.70 8.55
N ASP A 326 0.29 -4.93 8.55
CA ASP A 326 -0.62 -4.94 7.42
C ASP A 326 -0.01 -4.09 6.29
N VAL A 327 -0.35 -4.40 5.05
CA VAL A 327 0.27 -3.77 3.90
C VAL A 327 -0.67 -2.78 3.25
N THR A 328 -0.16 -1.62 2.87
CA THR A 328 -0.87 -0.68 2.04
C THR A 328 -0.09 -0.52 0.73
N PHE A 329 -0.80 -0.66 -0.34
N PHE A 329 -0.77 -0.76 -0.37
CA PHE A 329 -0.20 -0.44 -1.67
CA PHE A 329 -0.30 -0.65 -1.77
C PHE A 329 -0.67 0.90 -2.20
C PHE A 329 -1.09 0.45 -2.49
N THR A 330 0.21 1.78 -2.66
N THR A 330 -0.66 0.87 -3.67
CA THR A 330 -0.26 3.18 -2.75
CA THR A 330 -1.18 2.10 -4.32
C THR A 330 -0.59 3.66 -4.18
C THR A 330 -1.32 1.90 -5.82
N CYS A 331 -0.91 2.74 -5.09
N CYS A 331 -1.62 2.98 -6.52
CA CYS A 331 -1.25 3.26 -6.45
CA CYS A 331 -2.07 2.93 -7.91
C CYS A 331 -2.37 2.43 -7.08
C CYS A 331 -3.33 2.19 -8.21
N LEU A 332 -3.62 2.78 -6.76
N LEU A 332 -4.15 2.04 -7.17
CA LEU A 332 -4.75 1.99 -7.19
CA LEU A 332 -5.48 1.53 -7.48
C LEU A 332 -5.59 2.46 -8.37
C LEU A 332 -6.15 2.45 -8.49
N GLU A 333 -5.66 3.69 -8.76
CA GLU A 333 -6.51 4.43 -9.65
C GLU A 333 -6.07 4.39 -11.12
N MET A 334 -4.98 3.71 -11.47
CA MET A 334 -4.42 3.79 -12.81
C MET A 334 -4.70 2.59 -13.70
N THR A 335 -4.55 2.80 -14.99
CA THR A 335 -4.80 1.81 -16.01
C THR A 335 -3.45 1.29 -16.55
N ASP A 336 -3.44 0.02 -17.00
CA ASP A 336 -2.26 -0.46 -17.69
C ASP A 336 -2.11 0.21 -19.04
N LYS A 337 -0.84 0.44 -19.42
CA LYS A 337 -0.52 0.99 -20.73
C LYS A 337 0.50 0.13 -21.40
N GLY A 338 1.72 -0.03 -20.83
CA GLY A 338 2.64 -0.99 -21.34
C GLY A 338 3.37 -0.55 -22.59
N SER A 339 3.30 0.72 -22.92
CA SER A 339 3.78 1.22 -24.18
C SER A 339 5.06 2.00 -24.01
N TYR A 340 5.93 2.01 -24.99
CA TYR A 340 7.10 2.90 -25.01
C TYR A 340 6.60 4.31 -24.87
N PRO A 341 7.30 5.21 -24.19
CA PRO A 341 8.51 4.94 -23.44
C PRO A 341 8.37 4.62 -21.99
N GLU A 342 7.21 4.75 -21.40
CA GLU A 342 7.09 4.62 -19.93
C GLU A 342 6.94 3.17 -19.51
N TYR A 343 6.47 2.28 -20.37
CA TYR A 343 6.30 0.85 -20.08
C TYR A 343 5.58 0.64 -18.74
N SER A 344 4.42 1.31 -18.62
CA SER A 344 3.76 1.43 -17.32
C SER A 344 2.62 0.45 -17.18
N MET A 345 2.66 -0.38 -16.11
CA MET A 345 1.67 -1.44 -15.91
C MET A 345 1.11 -1.43 -14.50
N PRO A 346 0.52 -0.31 -14.07
CA PRO A 346 0.09 -0.20 -12.67
C PRO A 346 -1.04 -1.11 -12.26
N LYS A 347 -1.97 -1.41 -13.17
CA LYS A 347 -3.10 -2.26 -12.74
C LYS A 347 -2.58 -3.70 -12.61
N THR A 348 -1.76 -4.16 -13.54
CA THR A 348 -1.18 -5.50 -13.38
C THR A 348 -0.43 -5.57 -12.06
N LEU A 349 0.32 -4.51 -11.73
CA LEU A 349 1.09 -4.57 -10.50
CA LEU A 349 1.08 -4.49 -10.49
C LEU A 349 0.15 -4.66 -9.29
N VAL A 350 -0.92 -3.87 -9.20
N VAL A 350 -0.95 -3.89 -9.24
CA VAL A 350 -1.70 -4.02 -7.96
CA VAL A 350 -1.96 -3.89 -8.19
C VAL A 350 -2.43 -5.36 -7.99
C VAL A 350 -2.50 -5.31 -8.01
N GLN A 351 -2.85 -5.89 -9.16
CA GLN A 351 -3.48 -7.22 -9.14
C GLN A 351 -2.47 -8.23 -8.60
N ASN A 352 -1.20 -8.15 -8.97
CA ASN A 352 -0.25 -9.15 -8.50
C ASN A 352 0.00 -9.02 -7.00
N ILE A 353 0.17 -7.76 -6.50
CA ILE A 353 0.41 -7.54 -5.08
C ILE A 353 -0.81 -8.00 -4.30
N ALA A 354 -2.03 -7.70 -4.78
CA ALA A 354 -3.25 -8.07 -4.05
C ALA A 354 -3.37 -9.56 -3.99
N THR A 355 -3.08 -10.26 -5.10
CA THR A 355 -3.16 -11.72 -5.15
C THR A 355 -2.20 -12.33 -4.14
N LEU A 356 -0.98 -11.82 -4.11
CA LEU A 356 -0.01 -12.35 -3.14
C LEU A 356 -0.45 -12.08 -1.71
N ALA A 357 -0.91 -10.85 -1.42
CA ALA A 357 -1.31 -10.51 -0.05
C ALA A 357 -2.45 -11.41 0.38
N ASN A 358 -3.44 -11.60 -0.50
CA ASN A 358 -4.60 -12.42 -0.16
C ASN A 358 -4.15 -13.87 0.06
N GLU A 359 -3.24 -14.42 -0.75
CA GLU A 359 -2.70 -15.75 -0.63
CA GLU A 359 -2.83 -15.80 -0.57
C GLU A 359 -2.09 -15.94 0.75
N LYS A 360 -1.34 -14.93 1.20
CA LYS A 360 -0.55 -15.00 2.41
C LYS A 360 -1.34 -14.62 3.65
N GLY A 361 -2.59 -14.21 3.50
CA GLY A 361 -3.38 -13.80 4.68
C GLY A 361 -2.90 -12.48 5.24
N ILE A 362 -2.42 -11.58 4.42
CA ILE A 362 -2.04 -10.22 4.86
C ILE A 362 -3.15 -9.25 4.60
N VAL A 363 -3.60 -8.53 5.61
CA VAL A 363 -4.62 -7.52 5.44
C VAL A 363 -4.08 -6.47 4.49
N LEU A 364 -4.87 -6.14 3.48
CA LEU A 364 -4.40 -5.32 2.36
C LEU A 364 -5.20 -4.04 2.26
N ASN A 365 -4.52 -2.90 2.24
CA ASN A 365 -5.14 -1.59 2.09
C ASN A 365 -4.57 -0.91 0.84
N GLY A 366 -5.33 0.05 0.32
CA GLY A 366 -4.91 0.73 -0.90
C GLY A 366 -5.01 2.21 -0.80
N GLU A 367 -4.34 2.93 -1.71
CA GLU A 367 -4.46 4.35 -1.89
C GLU A 367 -4.39 4.68 -3.36
N ASN A 368 -4.78 5.90 -3.71
CA ASN A 368 -4.47 6.46 -5.02
C ASN A 368 -3.11 7.18 -4.96
N ALA A 369 -2.34 7.08 -6.05
CA ALA A 369 -1.02 7.65 -6.07
C ALA A 369 -1.02 9.16 -6.27
N LEU A 370 -1.95 9.60 -7.12
CA LEU A 370 -2.01 11.04 -7.46
C LEU A 370 -3.41 11.54 -7.13
N SER A 371 -3.52 12.85 -6.87
CA SER A 371 -4.83 13.43 -6.65
CA SER A 371 -4.81 13.50 -6.71
C SER A 371 -5.81 13.06 -7.76
N ILE A 372 -7.07 12.82 -7.40
CA ILE A 372 -8.11 12.45 -8.34
C ILE A 372 -9.03 13.63 -8.59
N GLY A 373 -9.29 13.96 -9.84
CA GLY A 373 -10.16 15.04 -10.25
C GLY A 373 -11.39 14.54 -10.97
N ASN A 374 -11.59 13.27 -11.19
CA ASN A 374 -12.65 12.77 -12.06
CA ASN A 374 -12.77 12.86 -11.95
C ASN A 374 -13.16 11.47 -11.46
N GLU A 375 -14.46 11.27 -11.57
CA GLU A 375 -15.12 10.08 -11.07
C GLU A 375 -14.59 8.84 -11.75
N GLU A 376 -14.10 8.90 -12.99
CA GLU A 376 -13.57 7.70 -13.62
C GLU A 376 -12.45 7.06 -12.79
N GLU A 377 -11.62 7.91 -12.17
CA GLU A 377 -10.57 7.28 -11.36
C GLU A 377 -11.13 6.64 -10.11
N TYR A 378 -12.20 7.19 -9.54
CA TYR A 378 -12.85 6.50 -8.42
C TYR A 378 -13.39 5.16 -8.89
N LYS A 379 -13.90 5.09 -10.11
CA LYS A 379 -14.43 3.80 -10.58
C LYS A 379 -13.30 2.77 -10.70
N ARG A 380 -12.16 3.32 -11.16
CA ARG A 380 -10.99 2.40 -11.24
CA ARG A 380 -11.00 2.39 -11.23
C ARG A 380 -10.51 1.82 -9.88
N VAL A 381 -10.50 2.82 -8.94
CA VAL A 381 -10.17 2.39 -7.54
C VAL A 381 -11.19 1.35 -7.07
N ALA A 382 -12.50 1.61 -7.32
CA ALA A 382 -13.51 0.69 -6.81
C ALA A 382 -13.36 -0.71 -7.39
N GLU A 383 -13.08 -0.77 -8.70
CA GLU A 383 -12.80 -2.08 -9.34
C GLU A 383 -11.77 -2.84 -8.55
N MET A 384 -10.66 -2.20 -8.21
N MET A 384 -10.67 -2.19 -8.21
CA MET A 384 -9.56 -2.85 -7.48
CA MET A 384 -9.61 -2.94 -7.51
C MET A 384 -9.99 -3.20 -6.06
C MET A 384 -9.99 -3.19 -6.07
N ALA A 385 -10.50 -2.17 -5.38
CA ALA A 385 -10.81 -2.37 -3.93
C ALA A 385 -11.76 -3.50 -3.71
N PHE A 386 -12.84 -3.52 -4.53
CA PHE A 386 -13.95 -4.41 -4.26
C PHE A 386 -13.87 -5.73 -4.99
N ASN A 387 -12.88 -5.91 -5.87
CA ASN A 387 -12.72 -7.24 -6.49
C ASN A 387 -11.45 -7.91 -6.02
N TYR A 388 -10.56 -7.22 -5.32
CA TYR A 388 -9.27 -7.84 -4.90
C TYR A 388 -9.11 -7.82 -3.41
N ASN A 389 -10.26 -7.72 -2.70
CA ASN A 389 -10.31 -7.99 -1.25
C ASN A 389 -9.62 -6.95 -0.37
N PHE A 390 -9.61 -5.69 -0.84
CA PHE A 390 -9.02 -4.64 0.00
C PHE A 390 -9.84 -4.38 1.24
N ALA A 391 -9.18 -4.29 2.38
CA ALA A 391 -9.82 -3.95 3.67
C ALA A 391 -9.95 -2.46 3.86
N GLY A 392 -9.25 -1.66 3.07
CA GLY A 392 -9.34 -0.22 3.23
C GLY A 392 -8.86 0.46 1.97
N PHE A 393 -9.41 1.67 1.81
CA PHE A 393 -8.93 2.59 0.77
C PHE A 393 -8.75 3.94 1.40
N THR A 394 -7.58 4.54 1.19
CA THR A 394 -7.31 5.89 1.68
C THR A 394 -7.17 6.87 0.52
N LEU A 395 -8.00 7.93 0.55
CA LEU A 395 -7.96 8.94 -0.50
C LEU A 395 -6.93 10.02 -0.20
N LEU A 396 -5.93 10.13 -1.08
CA LEU A 396 -5.01 11.28 -1.13
C LEU A 396 -5.78 12.34 -1.94
N ARG A 397 -6.13 13.51 -1.46
CA ARG A 397 -5.88 14.06 -0.10
C ARG A 397 -7.02 15.03 0.22
N TYR A 398 -7.26 15.20 1.52
CA TYR A 398 -8.18 16.12 2.18
C TYR A 398 -8.87 17.14 1.27
N GLN A 399 -8.17 18.18 0.82
CA GLN A 399 -8.84 19.30 0.15
C GLN A 399 -9.53 18.87 -1.12
N ASP A 400 -9.07 17.81 -1.76
CA ASP A 400 -9.61 17.45 -3.07
C ASP A 400 -11.08 17.12 -3.00
N VAL A 401 -11.52 16.57 -1.87
CA VAL A 401 -12.95 16.36 -1.68
C VAL A 401 -13.49 17.37 -0.68
N MET A 402 -12.71 17.83 0.30
CA MET A 402 -13.32 18.75 1.28
C MET A 402 -13.81 20.00 0.58
N TYR A 403 -13.10 20.46 -0.45
CA TYR A 403 -13.46 21.71 -1.10
C TYR A 403 -14.04 21.49 -2.49
N ASN A 404 -14.56 20.29 -2.77
CA ASN A 404 -15.20 19.99 -4.06
C ASN A 404 -16.41 19.14 -3.74
N ASN A 405 -17.56 19.76 -3.52
CA ASN A 405 -18.74 19.01 -3.10
C ASN A 405 -19.20 18.06 -4.18
N SER A 406 -19.03 18.43 -5.45
CA SER A 406 -19.44 17.50 -6.51
C SER A 406 -18.65 16.21 -6.43
N LEU A 407 -17.31 16.38 -6.33
CA LEU A 407 -16.46 15.18 -6.30
C LEU A 407 -16.66 14.39 -5.03
N MET A 408 -16.87 15.07 -3.87
CA MET A 408 -17.17 14.38 -2.62
C MET A 408 -18.39 13.49 -2.77
N GLY A 409 -19.44 13.97 -3.41
CA GLY A 409 -20.61 13.13 -3.55
C GLY A 409 -20.32 11.93 -4.45
N LYS A 410 -19.45 12.08 -5.45
CA LYS A 410 -19.08 10.88 -6.25
C LYS A 410 -18.29 9.90 -5.41
N PHE A 411 -17.38 10.42 -4.57
CA PHE A 411 -16.67 9.52 -3.66
C PHE A 411 -17.66 8.79 -2.76
N LYS A 412 -18.54 9.51 -2.09
CA LYS A 412 -19.50 8.85 -1.19
C LYS A 412 -20.23 7.73 -1.92
N ASP A 413 -20.71 8.05 -3.14
CA ASP A 413 -21.45 7.00 -3.87
C ASP A 413 -20.61 5.76 -4.14
N LEU A 414 -19.42 5.96 -4.66
CA LEU A 414 -18.66 4.85 -5.22
C LEU A 414 -17.76 4.15 -4.19
N LEU A 415 -17.22 4.93 -3.23
CA LEU A 415 -16.17 4.40 -2.32
C LEU A 415 -16.44 4.61 -0.85
N GLY A 416 -17.34 5.53 -0.48
CA GLY A 416 -17.63 5.75 0.94
C GLY A 416 -18.74 4.82 1.45
N VAL A 417 -18.62 3.54 1.16
CA VAL A 417 -19.73 2.61 1.38
C VAL A 417 -19.47 1.77 2.61
N THR A 418 -20.56 1.39 3.26
CA THR A 418 -20.57 0.48 4.40
C THR A 418 -20.98 -0.92 3.91
N PRO A 419 -20.09 -1.93 4.05
CA PRO A 419 -20.50 -3.26 3.61
C PRO A 419 -21.58 -3.83 4.50
N VAL A 420 -22.55 -4.56 3.91
CA VAL A 420 -23.61 -5.23 4.69
C VAL A 420 -23.85 -6.58 4.04
N MET A 421 -23.88 -7.64 4.84
CA MET A 421 -24.26 -8.93 4.30
C MET A 421 -25.75 -8.92 3.93
N GLN A 422 -26.08 -9.48 2.80
CA GLN A 422 -27.45 -9.76 2.39
C GLN A 422 -27.53 -11.18 1.84
N THR A 423 -28.60 -11.92 2.13
CA THR A 423 -28.72 -13.25 1.54
C THR A 423 -29.42 -13.14 0.19
N ILE A 424 -28.81 -13.59 -0.87
CA ILE A 424 -29.44 -13.61 -2.20
C ILE A 424 -29.92 -15.04 -2.45
N VAL A 425 -31.18 -15.19 -2.85
CA VAL A 425 -31.77 -16.49 -3.11
C VAL A 425 -32.33 -16.49 -4.53
N VAL A 426 -32.01 -17.52 -5.29
CA VAL A 426 -32.55 -17.60 -6.67
C VAL A 426 -33.21 -18.95 -6.78
N LYS A 427 -34.48 -18.93 -7.15
CA LYS A 427 -35.37 -20.09 -7.24
C LYS A 427 -35.48 -20.66 -8.65
N ASN A 428 -35.85 -21.92 -8.78
CA ASN A 428 -36.22 -22.56 -10.03
C ASN A 428 -35.12 -22.45 -11.05
N VAL A 429 -33.88 -22.69 -10.65
CA VAL A 429 -32.72 -22.56 -11.54
C VAL A 429 -32.52 -23.83 -12.29
N PRO A 430 -32.47 -23.81 -13.62
CA PRO A 430 -32.36 -25.07 -14.40
C PRO A 430 -30.93 -25.57 -14.58
N THR A 431 -30.28 -25.81 -13.46
CA THR A 431 -28.94 -26.40 -13.48
C THR A 431 -28.94 -27.89 -13.79
N THR A 432 -27.84 -28.32 -14.40
CA THR A 432 -27.59 -29.74 -14.60
C THR A 432 -26.29 -30.12 -13.94
N ILE A 433 -25.96 -31.42 -14.00
CA ILE A 433 -24.78 -31.86 -13.24
C ILE A 433 -23.53 -31.13 -13.70
N GLY A 434 -22.75 -30.65 -12.72
CA GLY A 434 -21.54 -29.92 -12.99
C GLY A 434 -21.70 -28.41 -13.01
N ASP A 435 -22.92 -27.90 -13.16
CA ASP A 435 -23.19 -26.46 -13.22
C ASP A 435 -22.97 -25.84 -11.83
N THR A 436 -22.48 -24.62 -11.88
CA THR A 436 -22.37 -23.74 -10.74
C THR A 436 -23.15 -22.45 -11.03
N VAL A 437 -23.57 -21.78 -9.96
CA VAL A 437 -24.41 -20.58 -10.11
C VAL A 437 -23.70 -19.41 -9.47
N TYR A 438 -23.79 -18.23 -10.09
CA TYR A 438 -23.12 -17.02 -9.61
C TYR A 438 -24.10 -15.85 -9.77
N ILE A 439 -23.77 -14.75 -9.11
CA ILE A 439 -24.33 -13.48 -9.50
C ILE A 439 -23.26 -12.51 -9.98
N THR A 440 -23.73 -11.57 -10.83
CA THR A 440 -22.90 -10.44 -11.26
C THR A 440 -23.80 -9.24 -11.34
N GLY A 441 -23.28 -8.02 -11.35
CA GLY A 441 -24.14 -6.86 -11.37
C GLY A 441 -23.35 -5.60 -11.68
N ASN A 442 -24.07 -4.47 -11.57
CA ASN A 442 -23.56 -3.24 -12.23
C ASN A 442 -22.44 -2.58 -11.48
N ARG A 443 -22.54 -2.48 -10.17
CA ARG A 443 -21.51 -1.79 -9.38
C ARG A 443 -20.22 -2.58 -9.28
N ALA A 444 -19.12 -1.92 -8.95
CA ALA A 444 -17.85 -2.62 -8.76
C ALA A 444 -17.98 -3.72 -7.69
N GLU A 445 -18.82 -3.51 -6.66
CA GLU A 445 -18.97 -4.53 -5.62
C GLU A 445 -19.60 -5.80 -6.16
N LEU A 446 -20.20 -5.73 -7.33
CA LEU A 446 -20.81 -6.90 -8.01
C LEU A 446 -20.00 -7.32 -9.22
N GLY A 447 -18.79 -6.78 -9.36
CA GLY A 447 -17.94 -7.18 -10.47
C GLY A 447 -18.24 -6.46 -11.77
N SER A 448 -19.10 -5.43 -11.82
CA SER A 448 -19.36 -4.68 -13.05
C SER A 448 -19.62 -5.59 -14.24
N TRP A 449 -20.49 -6.56 -14.03
CA TRP A 449 -20.97 -7.47 -15.05
C TRP A 449 -19.91 -8.38 -15.62
N ASP A 450 -18.71 -8.50 -15.07
N ASP A 450 -18.80 -8.43 -14.90
CA ASP A 450 -17.65 -9.35 -15.62
CA ASP A 450 -17.82 -9.42 -15.25
C ASP A 450 -17.81 -10.77 -15.11
C ASP A 450 -18.36 -10.81 -14.95
N THR A 451 -18.26 -11.68 -15.93
CA THR A 451 -18.65 -13.04 -15.60
C THR A 451 -17.44 -13.97 -15.58
N LYS A 452 -16.33 -13.42 -16.08
CA LYS A 452 -15.16 -14.28 -16.22
C LYS A 452 -14.36 -14.24 -14.92
N GLN A 453 -14.07 -13.03 -14.47
CA GLN A 453 -13.11 -12.83 -13.41
C GLN A 453 -13.75 -12.51 -12.07
N TYR A 454 -14.81 -11.70 -12.12
N TYR A 454 -14.81 -11.70 -12.05
CA TYR A 454 -15.35 -11.13 -10.89
CA TYR A 454 -15.26 -11.33 -10.71
C TYR A 454 -16.67 -11.65 -10.35
C TYR A 454 -16.69 -11.65 -10.32
N PRO A 455 -17.33 -12.71 -10.80
CA PRO A 455 -18.70 -12.97 -10.32
C PRO A 455 -18.66 -13.63 -8.92
N ILE A 456 -19.76 -13.53 -8.22
CA ILE A 456 -19.90 -13.98 -6.84
C ILE A 456 -20.63 -15.33 -6.80
N GLN A 457 -20.04 -16.37 -6.22
CA GLN A 457 -20.66 -17.69 -6.26
C GLN A 457 -21.79 -17.89 -5.29
N LEU A 458 -22.88 -18.50 -5.78
CA LEU A 458 -23.98 -18.98 -4.93
C LEU A 458 -23.82 -20.48 -4.73
N TYR A 459 -24.57 -21.04 -3.79
CA TYR A 459 -24.47 -22.45 -3.39
C TYR A 459 -25.83 -23.11 -3.34
N TYR A 460 -25.96 -24.30 -3.87
CA TYR A 460 -27.22 -25.02 -3.81
C TYR A 460 -27.63 -25.33 -2.37
N ASP A 461 -28.93 -25.12 -2.07
CA ASP A 461 -29.53 -25.43 -0.82
C ASP A 461 -30.49 -26.56 -1.09
N SER A 462 -30.07 -27.77 -0.66
CA SER A 462 -30.87 -28.95 -1.03
C SER A 462 -32.14 -29.04 -0.20
N HIS A 463 -32.24 -28.27 0.88
CA HIS A 463 -33.50 -28.29 1.65
C HIS A 463 -34.61 -27.56 0.90
N SER A 464 -34.29 -26.44 0.30
CA SER A 464 -35.25 -25.57 -0.41
C SER A 464 -35.16 -25.75 -1.92
N ASN A 465 -34.25 -26.52 -2.43
CA ASN A 465 -34.04 -26.70 -3.88
C ASN A 465 -33.84 -25.38 -4.58
N ASP A 466 -33.02 -24.49 -3.98
CA ASP A 466 -32.72 -23.18 -4.60
C ASP A 466 -31.26 -22.90 -4.38
N TRP A 467 -30.80 -21.75 -4.93
CA TRP A 467 -29.38 -21.40 -4.85
C TRP A 467 -29.29 -20.14 -4.04
N ARG A 468 -28.35 -20.07 -3.09
CA ARG A 468 -28.29 -19.03 -2.11
C ARG A 468 -26.85 -18.61 -1.86
N GLY A 469 -26.66 -17.38 -1.46
CA GLY A 469 -25.33 -16.92 -1.04
C GLY A 469 -25.50 -15.76 -0.10
N ASN A 470 -24.62 -15.69 0.90
CA ASN A 470 -24.57 -14.55 1.80
C ASN A 470 -23.54 -13.61 1.21
N VAL A 471 -24.01 -12.52 0.59
CA VAL A 471 -23.17 -11.66 -0.23
C VAL A 471 -22.99 -10.33 0.45
N VAL A 472 -21.78 -9.84 0.53
CA VAL A 472 -21.52 -8.52 1.14
C VAL A 472 -21.74 -7.46 0.08
N LEU A 473 -22.59 -6.48 0.37
CA LEU A 473 -22.99 -5.47 -0.61
C LEU A 473 -22.87 -4.11 0.01
N PRO A 474 -22.86 -3.06 -0.85
CA PRO A 474 -22.77 -1.67 -0.35
C PRO A 474 -24.11 -1.22 0.18
N ALA A 475 -24.21 -0.98 1.48
CA ALA A 475 -25.48 -0.51 2.06
C ALA A 475 -25.97 0.75 1.42
N GLU A 476 -27.25 0.85 1.19
CA GLU A 476 -27.87 2.12 0.76
C GLU A 476 -27.33 2.59 -0.57
N ARG A 477 -26.94 1.68 -1.45
CA ARG A 477 -26.65 2.01 -2.85
C ARG A 477 -27.57 1.15 -3.75
N ASN A 478 -27.99 1.72 -4.86
CA ASN A 478 -28.81 1.01 -5.86
C ASN A 478 -27.95 0.03 -6.61
N ILE A 479 -28.51 -1.13 -6.86
CA ILE A 479 -27.81 -2.14 -7.66
C ILE A 479 -28.75 -2.80 -8.68
N GLU A 480 -28.15 -3.32 -9.75
CA GLU A 480 -28.83 -4.22 -10.69
C GLU A 480 -27.92 -5.48 -10.75
N PHE A 481 -28.55 -6.64 -10.89
CA PHE A 481 -27.76 -7.86 -10.87
C PHE A 481 -28.54 -8.99 -11.54
N LYS A 482 -27.88 -10.07 -11.86
CA LYS A 482 -28.55 -11.26 -12.36
C LYS A 482 -27.71 -12.46 -11.87
N ALA A 483 -28.39 -13.58 -11.65
CA ALA A 483 -27.79 -14.89 -11.55
C ALA A 483 -27.46 -15.40 -12.96
N PHE A 484 -26.46 -16.26 -12.99
CA PHE A 484 -26.18 -16.96 -14.28
C PHE A 484 -25.53 -18.26 -13.90
N ILE A 485 -25.49 -19.19 -14.87
CA ILE A 485 -24.94 -20.49 -14.70
C ILE A 485 -23.64 -20.63 -15.44
N LYS A 486 -22.65 -21.23 -14.78
CA LYS A 486 -21.46 -21.67 -15.52
C LYS A 486 -21.51 -23.19 -15.61
N SER A 487 -21.13 -23.70 -16.80
CA SER A 487 -21.01 -25.15 -16.88
CA SER A 487 -20.97 -25.13 -16.93
C SER A 487 -19.71 -25.60 -16.21
N LYS A 488 -19.52 -26.91 -16.06
CA LYS A 488 -18.32 -27.50 -15.51
C LYS A 488 -17.04 -26.92 -16.12
N ASP A 489 -17.06 -26.72 -17.44
CA ASP A 489 -15.82 -26.23 -18.07
C ASP A 489 -15.62 -24.74 -17.82
N GLY A 490 -16.56 -24.10 -17.13
CA GLY A 490 -16.34 -22.72 -16.76
C GLY A 490 -16.99 -21.74 -17.71
N THR A 491 -17.62 -22.24 -18.78
CA THR A 491 -18.26 -21.31 -19.73
C THR A 491 -19.65 -20.96 -19.22
N VAL A 492 -20.08 -19.75 -19.57
CA VAL A 492 -21.38 -19.22 -19.20
C VAL A 492 -22.48 -19.89 -20.03
N LYS A 493 -23.36 -20.63 -19.41
CA LYS A 493 -24.41 -21.42 -20.04
C LYS A 493 -25.61 -20.57 -20.34
N SER A 494 -26.07 -19.81 -19.37
CA SER A 494 -27.37 -19.12 -19.45
C SER A 494 -27.50 -18.12 -18.27
N TRP A 495 -28.48 -17.24 -18.43
CA TRP A 495 -28.71 -16.15 -17.51
C TRP A 495 -30.16 -16.12 -17.00
N GLN A 496 -30.31 -15.67 -15.77
CA GLN A 496 -31.64 -15.32 -15.25
C GLN A 496 -32.29 -14.41 -16.27
N THR A 497 -33.55 -14.68 -16.49
CA THR A 497 -34.20 -14.03 -17.68
C THR A 497 -34.35 -12.53 -17.43
N ILE A 498 -34.79 -12.17 -16.20
CA ILE A 498 -35.14 -10.82 -15.82
C ILE A 498 -34.07 -10.17 -14.93
N GLN A 499 -33.66 -8.96 -15.28
CA GLN A 499 -32.71 -8.18 -14.48
C GLN A 499 -33.26 -7.92 -13.09
N GLN A 500 -32.51 -8.23 -12.03
CA GLN A 500 -32.96 -7.98 -10.67
C GLN A 500 -32.36 -6.64 -10.20
N SER A 501 -32.94 -6.07 -9.15
CA SER A 501 -32.44 -4.80 -8.64
C SER A 501 -32.76 -4.70 -7.16
N TRP A 502 -32.06 -3.77 -6.51
CA TRP A 502 -32.31 -3.42 -5.13
C TRP A 502 -32.09 -1.90 -5.06
N ASN A 503 -33.13 -1.18 -4.73
CA ASN A 503 -33.15 0.28 -4.81
C ASN A 503 -33.53 0.95 -3.50
N PRO A 504 -32.64 1.09 -2.54
CA PRO A 504 -31.27 0.54 -2.57
C PRO A 504 -31.14 -0.77 -1.79
N VAL A 505 -29.90 -1.29 -1.81
CA VAL A 505 -29.55 -2.33 -0.87
C VAL A 505 -29.89 -1.84 0.53
N PRO A 506 -30.64 -2.59 1.29
CA PRO A 506 -30.99 -2.13 2.63
C PRO A 506 -29.81 -1.98 3.56
N LEU A 507 -29.94 -1.06 4.50
CA LEU A 507 -28.92 -0.83 5.52
C LEU A 507 -28.65 -2.02 6.39
N LYS A 508 -29.73 -2.75 6.68
CA LYS A 508 -29.70 -3.90 7.59
C LYS A 508 -29.88 -5.21 6.83
N THR A 509 -29.21 -6.26 7.29
CA THR A 509 -29.27 -7.56 6.66
C THR A 509 -30.66 -8.16 6.54
N THR A 510 -30.98 -8.59 5.34
CA THR A 510 -32.24 -9.27 5.03
C THR A 510 -31.95 -10.20 3.85
N SER A 511 -32.90 -10.38 2.97
CA SER A 511 -32.70 -11.28 1.84
C SER A 511 -33.41 -10.70 0.61
N HIS A 512 -32.93 -11.10 -0.54
CA HIS A 512 -33.52 -10.78 -1.83
C HIS A 512 -33.77 -12.11 -2.52
N THR A 513 -35.04 -12.40 -2.81
CA THR A 513 -35.38 -13.68 -3.48
C THR A 513 -36.01 -13.39 -4.81
N SER A 514 -35.56 -14.14 -5.81
CA SER A 514 -36.11 -14.01 -7.16
C SER A 514 -36.15 -15.38 -7.78
N SER A 515 -36.83 -15.52 -8.90
CA SER A 515 -36.85 -16.71 -9.70
C SER A 515 -36.06 -16.50 -10.99
N TRP A 516 -35.53 -17.61 -11.45
CA TRP A 516 -34.71 -17.66 -12.66
C TRP A 516 -35.51 -17.25 -13.89
#